data_3SOD
#
_entry.id   3SOD
#
_cell.length_a   92.500
_cell.length_b   89.400
_cell.length_c   70.500
_cell.angle_alpha   90.00
_cell.angle_beta   95.70
_cell.angle_gamma   90.00
#
_symmetry.space_group_name_H-M   'C 1 2 1'
#
loop_
_entity.id
_entity.type
_entity.pdbx_description
1 polymer 'COPPER,ZINC SUPEROXIDE DISMUTASE'
2 non-polymer 'COPPER (II) ION'
3 non-polymer 'ZINC ION'
#
_entity_poly.entity_id   1
_entity_poly.type   'polypeptide(L)'
_entity_poly.pdbx_seq_one_letter_code
;(ACE)ATKAVAVLKGDGPVQGTIHFEAKGDTVVVTGSITGLTEGDHGFHVHQFGDNTQGCTSAGPHFNPLSKKHGGPKDE
ERHVGDLGNVTADKNGVAIVDIVDPLISLSGEYSIIGRTMVVHEKPDDLGRGGNEESTKTGNAGSRLACGVIGIAK
;
_entity_poly.pdbx_strand_id   O,Y,G,B
#
loop_
_chem_comp.id
_chem_comp.type
_chem_comp.name
_chem_comp.formula
ACE non-polymer 'ACETYL GROUP' 'C2 H4 O'
CU non-polymer 'COPPER (II) ION' 'Cu 2'
ZN non-polymer 'ZINC ION' 'Zn 2'
#
# COMPACT_ATOMS: atom_id res chain seq x y z
C ACE A 1 -17.35 -18.76 12.78
O ACE A 1 -16.77 -17.92 13.60
CH3 ACE A 1 -17.03 -20.12 12.97
N ALA A 2 -18.15 -18.26 11.89
CA ALA A 2 -18.12 -16.71 11.91
C ALA A 2 -19.27 -16.39 10.94
N THR A 3 -19.55 -15.15 10.83
CA THR A 3 -20.51 -14.44 10.11
C THR A 3 -19.87 -13.65 9.05
N LYS A 4 -18.66 -13.20 9.22
CA LYS A 4 -17.91 -12.38 8.20
C LYS A 4 -16.50 -12.84 8.40
N ALA A 5 -15.62 -12.90 7.43
CA ALA A 5 -14.24 -13.29 7.29
C ALA A 5 -13.56 -12.39 6.28
N VAL A 6 -12.23 -12.45 6.12
CA VAL A 6 -11.54 -11.59 5.14
C VAL A 6 -10.25 -12.32 4.79
N ALA A 7 -9.77 -12.24 3.48
CA ALA A 7 -8.49 -12.95 3.26
C ALA A 7 -7.57 -11.88 2.77
N VAL A 8 -6.32 -11.72 3.18
CA VAL A 8 -5.47 -10.62 2.57
C VAL A 8 -4.50 -11.36 1.60
N LEU A 9 -4.70 -11.14 0.32
CA LEU A 9 -3.76 -11.85 -0.61
C LEU A 9 -2.46 -11.13 -0.96
N LYS A 10 -1.31 -11.81 -0.83
CA LYS A 10 -0.02 -11.31 -1.11
C LYS A 10 0.76 -12.53 -1.66
N GLY A 11 1.72 -12.11 -2.45
CA GLY A 11 2.63 -13.12 -3.09
C GLY A 11 3.98 -12.41 -3.20
N ASP A 12 4.89 -13.17 -3.83
CA ASP A 12 6.28 -12.64 -4.04
C ASP A 12 6.32 -11.85 -5.33
N GLY A 13 5.23 -11.69 -5.98
CA GLY A 13 4.96 -10.98 -7.18
C GLY A 13 4.09 -9.78 -6.95
N PRO A 14 3.72 -9.03 -8.03
CA PRO A 14 2.90 -7.91 -8.02
C PRO A 14 1.43 -8.01 -7.67
N VAL A 15 0.75 -9.10 -7.66
CA VAL A 15 -0.64 -9.39 -7.40
C VAL A 15 -0.97 -9.19 -5.90
N GLN A 16 -2.11 -8.60 -5.77
CA GLN A 16 -2.56 -8.37 -4.35
C GLN A 16 -4.05 -8.11 -4.26
N GLY A 17 -4.58 -8.26 -3.07
CA GLY A 17 -6.01 -7.99 -2.94
C GLY A 17 -6.69 -8.26 -1.63
N THR A 18 -7.94 -7.77 -1.52
CA THR A 18 -8.68 -8.05 -0.24
C THR A 18 -9.99 -8.75 -0.57
N ILE A 19 -10.32 -9.89 -0.02
CA ILE A 19 -11.53 -10.60 -0.24
C ILE A 19 -12.35 -10.59 1.01
N HIS A 20 -13.61 -10.27 0.91
CA HIS A 20 -14.51 -10.22 2.08
C HIS A 20 -15.52 -11.31 1.91
N PHE A 21 -15.99 -11.92 2.90
CA PHE A 21 -16.96 -12.97 2.88
C PHE A 21 -18.03 -12.73 3.94
N GLU A 22 -19.30 -13.03 3.55
CA GLU A 22 -20.37 -12.88 4.46
C GLU A 22 -21.40 -13.97 4.29
N ALA A 23 -21.86 -14.53 5.34
CA ALA A 23 -22.83 -15.59 5.59
C ALA A 23 -24.12 -14.96 5.29
N LYS A 24 -25.00 -15.33 4.51
CA LYS A 24 -26.26 -14.91 4.08
C LYS A 24 -26.95 -16.25 3.71
N GLY A 25 -27.61 -16.57 4.84
CA GLY A 25 -28.43 -17.80 4.89
C GLY A 25 -27.40 -18.95 4.85
N ASP A 26 -27.58 -19.91 4.09
CA ASP A 26 -26.96 -21.12 3.71
C ASP A 26 -25.88 -20.89 2.67
N THR A 27 -25.63 -19.73 2.18
CA THR A 27 -24.62 -19.26 1.18
C THR A 27 -23.55 -18.34 1.77
N VAL A 28 -22.45 -18.11 0.92
CA VAL A 28 -21.39 -17.22 1.41
C VAL A 28 -21.28 -16.09 0.34
N VAL A 29 -21.23 -14.82 0.54
CA VAL A 29 -21.12 -13.76 -0.54
C VAL A 29 -19.70 -13.36 -0.36
N VAL A 30 -18.93 -13.36 -1.48
CA VAL A 30 -17.55 -13.09 -1.58
C VAL A 30 -17.43 -11.87 -2.37
N THR A 31 -16.74 -10.84 -1.99
CA THR A 31 -16.56 -9.64 -2.67
C THR A 31 -15.15 -9.15 -2.50
N GLY A 32 -14.76 -8.08 -3.16
CA GLY A 32 -13.33 -7.58 -2.98
C GLY A 32 -12.59 -7.35 -4.22
N SER A 33 -11.30 -7.06 -4.29
CA SER A 33 -10.59 -6.86 -5.61
C SER A 33 -9.24 -7.41 -5.61
N ILE A 34 -8.55 -7.62 -6.66
CA ILE A 34 -7.21 -8.13 -6.98
C ILE A 34 -6.62 -7.22 -8.00
N THR A 35 -5.50 -6.70 -7.92
CA THR A 35 -4.86 -5.80 -8.89
C THR A 35 -3.56 -6.43 -9.23
N GLY A 36 -2.89 -5.97 -10.24
CA GLY A 36 -1.59 -6.57 -10.56
C GLY A 36 -1.78 -7.81 -11.36
N LEU A 37 -2.88 -8.02 -11.96
CA LEU A 37 -3.10 -9.26 -12.77
C LEU A 37 -3.04 -8.99 -14.31
N THR A 38 -2.85 -10.26 -14.83
CA THR A 38 -2.74 -10.37 -16.32
C THR A 38 -4.18 -10.48 -16.73
N GLU A 39 -4.69 -9.81 -17.73
CA GLU A 39 -5.93 -9.59 -18.40
C GLU A 39 -6.42 -10.91 -18.75
N GLY A 40 -7.66 -11.09 -18.33
CA GLY A 40 -8.33 -12.39 -18.61
C GLY A 40 -8.67 -12.98 -17.21
N ASP A 41 -8.93 -14.28 -17.35
CA ASP A 41 -9.32 -15.17 -16.35
C ASP A 41 -8.22 -15.92 -15.58
N HIS A 42 -8.63 -16.05 -14.29
CA HIS A 42 -7.78 -16.67 -13.31
C HIS A 42 -8.33 -17.67 -12.39
N GLY A 43 -7.78 -18.89 -12.14
CA GLY A 43 -8.53 -19.71 -11.20
C GLY A 43 -8.50 -18.94 -9.78
N PHE A 44 -9.46 -19.16 -9.04
CA PHE A 44 -9.69 -18.63 -7.70
C PHE A 44 -10.15 -19.79 -6.83
N HIS A 45 -9.46 -20.43 -5.88
CA HIS A 45 -10.01 -21.51 -5.14
C HIS A 45 -9.77 -21.54 -3.65
N VAL A 46 -10.34 -22.24 -2.82
CA VAL A 46 -9.85 -22.14 -1.35
C VAL A 46 -9.07 -23.47 -1.37
N HIS A 47 -7.83 -23.26 -0.92
CA HIS A 47 -6.84 -24.39 -0.80
C HIS A 47 -7.07 -24.81 0.69
N GLN A 48 -6.84 -26.14 0.85
CA GLN A 48 -7.11 -26.61 2.18
C GLN A 48 -6.39 -26.20 3.37
N PHE A 49 -5.15 -25.89 3.46
CA PHE A 49 -4.46 -25.50 4.74
C PHE A 49 -4.15 -23.96 4.84
N GLY A 50 -4.30 -23.54 6.12
CA GLY A 50 -3.99 -22.10 6.25
C GLY A 50 -2.55 -21.93 6.80
N ASP A 51 -1.65 -22.58 6.05
CA ASP A 51 -0.27 -22.69 6.27
C ASP A 51 0.50 -21.86 5.19
N ASN A 52 1.12 -20.75 5.61
CA ASN A 52 1.90 -19.85 4.73
C ASN A 52 3.36 -19.96 5.01
N THR A 53 3.90 -20.98 5.59
CA THR A 53 5.27 -21.37 5.99
C THR A 53 6.19 -21.56 4.78
N GLN A 54 5.79 -21.90 3.66
CA GLN A 54 6.34 -22.11 2.42
C GLN A 54 5.44 -21.35 1.43
N GLY A 55 5.18 -20.07 1.74
CA GLY A 55 4.33 -19.31 0.85
C GLY A 55 3.05 -20.04 0.61
N CYS A 56 2.53 -19.93 -0.55
CA CYS A 56 1.36 -20.46 -1.18
C CYS A 56 1.47 -21.98 -1.40
N THR A 57 2.60 -22.54 -1.44
CA THR A 57 2.94 -23.95 -1.62
C THR A 57 2.38 -24.79 -0.42
N SER A 58 2.61 -24.39 0.71
CA SER A 58 2.08 -25.14 1.94
C SER A 58 0.62 -25.04 2.11
N ALA A 59 -0.29 -24.37 1.41
CA ALA A 59 -1.73 -24.29 1.53
C ALA A 59 -2.28 -25.69 1.03
N GLY A 60 -1.46 -26.66 0.52
CA GLY A 60 -1.97 -27.95 0.07
C GLY A 60 -2.89 -27.79 -1.08
N PRO A 61 -3.71 -28.84 -1.35
CA PRO A 61 -4.66 -28.97 -2.39
C PRO A 61 -5.95 -28.20 -2.22
N HIS A 62 -6.86 -28.23 -3.05
CA HIS A 62 -8.13 -27.64 -3.02
C HIS A 62 -8.85 -28.34 -1.79
N PHE A 63 -9.69 -27.57 -1.10
CA PHE A 63 -10.43 -28.08 0.04
C PHE A 63 -11.55 -28.77 -0.65
N ASN A 64 -11.88 -29.97 -0.64
CA ASN A 64 -12.62 -31.16 -0.98
C ASN A 64 -12.86 -32.28 0.10
N PRO A 65 -13.60 -31.92 1.19
CA PRO A 65 -13.89 -32.84 2.27
C PRO A 65 -14.62 -34.04 1.72
N LEU A 66 -15.25 -33.82 0.61
CA LEU A 66 -16.05 -34.96 -0.04
C LEU A 66 -15.25 -35.74 -1.07
N SER A 67 -14.04 -35.63 -1.25
CA SER A 67 -13.26 -36.37 -2.25
C SER A 67 -13.84 -36.45 -3.68
N LYS A 68 -14.31 -35.49 -4.28
CA LYS A 68 -14.88 -35.24 -5.54
C LYS A 68 -13.76 -34.82 -6.50
N LYS A 69 -14.01 -34.67 -7.71
CA LYS A 69 -13.10 -34.25 -8.73
C LYS A 69 -13.32 -32.75 -8.87
N HIS A 70 -12.29 -32.04 -9.41
CA HIS A 70 -12.44 -30.62 -9.61
C HIS A 70 -13.46 -30.21 -10.57
N GLY A 71 -14.20 -29.14 -10.41
CA GLY A 71 -15.22 -28.64 -11.31
C GLY A 71 -15.42 -27.16 -11.19
N GLY A 72 -16.42 -26.53 -11.67
CA GLY A 72 -16.84 -25.20 -11.69
C GLY A 72 -17.80 -25.05 -10.52
N PRO A 73 -17.98 -23.74 -10.10
CA PRO A 73 -18.83 -23.43 -8.99
C PRO A 73 -20.27 -23.87 -9.14
N LYS A 74 -20.76 -24.03 -10.37
CA LYS A 74 -22.06 -24.48 -10.75
C LYS A 74 -22.08 -26.03 -10.87
N ASP A 75 -20.98 -26.80 -10.89
CA ASP A 75 -21.16 -28.26 -11.07
C ASP A 75 -21.55 -29.01 -9.83
N GLU A 76 -22.26 -30.16 -9.98
CA GLU A 76 -22.62 -30.84 -8.70
C GLU A 76 -21.24 -31.44 -8.38
N GLU A 77 -20.63 -31.90 -9.38
CA GLU A 77 -19.21 -32.54 -9.15
C GLU A 77 -18.09 -31.53 -9.18
N ARG A 78 -17.69 -31.04 -7.99
CA ARG A 78 -16.64 -30.06 -7.79
C ARG A 78 -16.09 -30.21 -6.41
N HIS A 79 -14.96 -29.48 -6.20
CA HIS A 79 -14.27 -29.47 -4.82
C HIS A 79 -15.02 -28.43 -3.89
N VAL A 80 -15.04 -28.54 -2.64
CA VAL A 80 -15.81 -27.46 -1.89
C VAL A 80 -15.14 -26.15 -2.24
N GLY A 81 -13.74 -26.25 -2.40
CA GLY A 81 -13.20 -24.89 -2.76
C GLY A 81 -13.13 -24.32 -4.11
N ASP A 82 -13.76 -24.88 -5.08
CA ASP A 82 -13.80 -24.45 -6.52
C ASP A 82 -14.62 -23.23 -6.73
N LEU A 83 -14.13 -22.04 -6.89
CA LEU A 83 -15.02 -20.84 -7.10
C LEU A 83 -14.79 -20.36 -8.45
N GLY A 84 -14.28 -21.12 -9.45
CA GLY A 84 -14.02 -20.79 -10.76
C GLY A 84 -12.97 -19.74 -10.97
N ASN A 85 -13.23 -18.83 -11.87
CA ASN A 85 -12.52 -17.72 -12.32
C ASN A 85 -13.05 -16.35 -11.87
N VAL A 86 -12.16 -15.44 -11.82
CA VAL A 86 -12.12 -14.03 -11.52
C VAL A 86 -11.40 -13.53 -12.86
N THR A 87 -12.06 -12.46 -13.37
CA THR A 87 -11.54 -11.86 -14.65
C THR A 87 -10.78 -10.58 -14.48
N ALA A 88 -9.66 -10.13 -14.75
CA ALA A 88 -8.99 -8.87 -14.61
C ALA A 88 -9.41 -8.09 -15.86
N ASP A 89 -9.32 -6.77 -15.81
CA ASP A 89 -9.72 -5.91 -17.00
C ASP A 89 -8.36 -5.59 -17.63
N LYS A 90 -8.17 -4.65 -18.60
CA LYS A 90 -6.79 -4.55 -19.05
C LYS A 90 -5.92 -3.73 -18.14
N ASN A 91 -6.44 -3.37 -16.94
CA ASN A 91 -5.49 -2.58 -16.11
C ASN A 91 -5.03 -3.53 -15.07
N GLY A 92 -5.48 -4.71 -15.08
CA GLY A 92 -5.15 -5.80 -14.17
C GLY A 92 -6.14 -5.91 -13.03
N VAL A 93 -7.30 -5.26 -13.04
CA VAL A 93 -8.17 -5.40 -11.91
C VAL A 93 -9.26 -6.49 -12.03
N ALA A 94 -9.29 -7.37 -10.99
CA ALA A 94 -10.36 -8.39 -11.06
C ALA A 94 -11.39 -7.82 -10.00
N ILE A 95 -12.69 -7.84 -10.26
CA ILE A 95 -13.68 -7.35 -9.31
C ILE A 95 -14.32 -8.68 -8.88
N VAL A 96 -14.14 -9.16 -7.68
CA VAL A 96 -14.74 -10.43 -7.32
C VAL A 96 -16.11 -10.12 -6.76
N ASP A 97 -17.10 -10.82 -7.21
CA ASP A 97 -18.50 -10.80 -6.88
C ASP A 97 -19.02 -12.21 -7.05
N ILE A 98 -19.21 -13.11 -6.21
CA ILE A 98 -19.69 -14.45 -6.31
C ILE A 98 -20.63 -14.77 -5.31
N VAL A 99 -21.62 -15.55 -5.23
CA VAL A 99 -22.50 -15.80 -4.02
C VAL A 99 -22.30 -17.28 -4.05
N ASP A 100 -21.91 -18.03 -3.07
CA ASP A 100 -21.74 -19.50 -3.31
C ASP A 100 -22.35 -20.24 -2.23
N PRO A 101 -23.14 -21.22 -2.53
CA PRO A 101 -23.78 -22.04 -1.51
C PRO A 101 -23.08 -23.23 -0.99
N LEU A 102 -21.84 -23.64 -1.39
CA LEU A 102 -21.21 -24.81 -0.86
C LEU A 102 -20.23 -24.49 0.18
N ILE A 103 -19.55 -23.43 0.05
CA ILE A 103 -18.54 -23.00 1.13
C ILE A 103 -19.38 -22.49 2.27
N SER A 104 -18.79 -22.38 3.40
CA SER A 104 -19.34 -21.96 4.64
C SER A 104 -18.51 -21.26 5.61
N LEU A 105 -18.87 -20.40 6.47
CA LEU A 105 -18.02 -19.69 7.49
C LEU A 105 -18.26 -20.48 8.80
N SER A 106 -18.97 -21.57 8.83
CA SER A 106 -19.09 -22.29 10.17
C SER A 106 -19.39 -23.74 9.76
N GLY A 107 -19.15 -24.60 10.70
CA GLY A 107 -19.37 -26.01 10.56
C GLY A 107 -18.29 -26.64 9.69
N GLU A 108 -18.62 -27.90 9.47
CA GLU A 108 -17.82 -28.92 8.67
C GLU A 108 -17.04 -28.35 7.53
N TYR A 109 -17.76 -27.66 6.66
CA TYR A 109 -17.22 -27.02 5.44
C TYR A 109 -16.77 -25.61 5.68
N SER A 110 -16.48 -25.31 6.95
CA SER A 110 -16.01 -23.89 7.14
C SER A 110 -14.72 -23.64 6.47
N ILE A 111 -14.51 -22.48 5.86
CA ILE A 111 -13.26 -22.09 5.12
C ILE A 111 -12.47 -21.18 6.02
N ILE A 112 -12.87 -20.81 7.19
CA ILE A 112 -12.12 -19.97 8.08
C ILE A 112 -10.92 -20.80 8.51
N GLY A 113 -9.70 -20.08 8.37
CA GLY A 113 -8.36 -20.69 8.70
C GLY A 113 -7.67 -21.45 7.49
N ARG A 114 -8.25 -21.44 6.35
CA ARG A 114 -7.76 -22.09 5.15
C ARG A 114 -7.23 -21.02 4.10
N THR A 115 -6.91 -21.42 2.95
CA THR A 115 -6.34 -20.36 2.05
C THR A 115 -7.04 -20.06 0.82
N MET A 116 -7.11 -18.80 0.52
CA MET A 116 -7.75 -18.32 -0.67
C MET A 116 -6.58 -18.15 -1.65
N VAL A 117 -6.65 -18.72 -2.91
CA VAL A 117 -5.46 -18.50 -3.75
C VAL A 117 -6.01 -18.03 -5.12
N VAL A 118 -5.32 -17.14 -5.81
CA VAL A 118 -5.63 -16.57 -7.09
C VAL A 118 -4.50 -17.21 -7.92
N HIS A 119 -4.95 -17.80 -9.04
CA HIS A 119 -3.94 -18.49 -9.94
C HIS A 119 -3.55 -17.78 -11.20
N GLU A 120 -2.34 -18.23 -11.68
CA GLU A 120 -1.70 -17.76 -12.86
C GLU A 120 -2.52 -17.89 -14.11
N LYS A 121 -3.22 -19.00 -14.31
CA LYS A 121 -4.06 -19.20 -15.50
C LYS A 121 -5.47 -19.42 -15.15
N PRO A 122 -6.28 -19.42 -16.30
CA PRO A 122 -7.70 -19.59 -16.13
C PRO A 122 -7.94 -21.01 -15.71
N ASP A 123 -9.10 -21.23 -15.03
CA ASP A 123 -9.55 -22.53 -14.56
C ASP A 123 -10.41 -23.09 -15.74
N ASP A 124 -10.11 -24.35 -16.06
CA ASP A 124 -10.77 -25.11 -17.20
C ASP A 124 -12.00 -25.74 -16.69
N LEU A 125 -12.05 -25.70 -15.39
CA LEU A 125 -13.32 -26.29 -14.73
C LEU A 125 -13.39 -27.70 -14.83
N GLY A 126 -12.36 -28.50 -14.83
CA GLY A 126 -12.38 -29.95 -14.90
C GLY A 126 -12.82 -30.36 -16.25
N ARG A 127 -12.78 -29.50 -17.26
CA ARG A 127 -13.26 -29.97 -18.53
C ARG A 127 -12.21 -29.95 -19.61
N GLY A 128 -11.02 -30.13 -19.30
CA GLY A 128 -9.88 -30.11 -20.16
C GLY A 128 -9.44 -31.48 -20.72
N GLY A 129 -9.89 -32.61 -20.29
CA GLY A 129 -9.41 -33.83 -20.91
C GLY A 129 -8.11 -34.42 -20.47
N ASN A 130 -7.59 -34.05 -19.29
CA ASN A 130 -6.35 -34.61 -18.74
C ASN A 130 -6.49 -34.84 -17.21
N GLU A 131 -5.60 -35.58 -16.59
CA GLU A 131 -5.72 -35.81 -15.13
C GLU A 131 -5.65 -34.50 -14.37
N GLU A 132 -4.64 -33.76 -14.74
CA GLU A 132 -4.42 -32.43 -14.06
C GLU A 132 -5.69 -31.67 -14.21
N SER A 133 -6.46 -31.71 -15.25
CA SER A 133 -7.76 -30.81 -15.14
C SER A 133 -8.66 -31.19 -13.94
N THR A 134 -8.86 -32.45 -13.67
CA THR A 134 -9.65 -33.06 -12.65
C THR A 134 -9.17 -32.83 -11.20
N LYS A 135 -8.01 -32.35 -10.96
CA LYS A 135 -7.57 -32.09 -9.58
C LYS A 135 -7.38 -30.58 -9.44
N THR A 136 -6.91 -29.78 -10.42
CA THR A 136 -6.73 -28.32 -10.32
C THR A 136 -7.21 -27.43 -11.46
N GLY A 137 -7.86 -27.84 -12.56
CA GLY A 137 -8.31 -26.99 -13.62
C GLY A 137 -7.26 -26.49 -14.48
N ASN A 138 -6.06 -26.91 -14.36
CA ASN A 138 -4.86 -26.45 -15.19
C ASN A 138 -4.72 -24.96 -14.83
N ALA A 139 -4.82 -24.53 -13.56
CA ALA A 139 -4.68 -23.11 -13.33
C ALA A 139 -3.32 -22.54 -13.10
N GLY A 140 -2.43 -23.42 -13.13
CA GLY A 140 -1.03 -23.27 -12.94
C GLY A 140 -0.66 -22.83 -11.51
N SER A 141 0.22 -21.97 -11.48
CA SER A 141 0.94 -21.24 -10.47
C SER A 141 0.06 -20.35 -9.51
N ARG A 142 0.43 -20.46 -8.28
CA ARG A 142 -0.42 -19.65 -7.28
C ARG A 142 0.30 -18.42 -7.11
N LEU A 143 -0.21 -17.36 -7.59
CA LEU A 143 0.25 -16.01 -7.59
C LEU A 143 0.17 -15.31 -6.27
N ALA A 144 -1.02 -15.51 -5.57
CA ALA A 144 -1.10 -14.81 -4.25
C ALA A 144 -1.97 -15.58 -3.35
N CYS A 145 -1.96 -15.63 -2.07
CA CYS A 145 -2.88 -16.41 -1.23
C CYS A 145 -2.89 -15.76 0.17
N GLY A 146 -3.78 -16.12 1.06
CA GLY A 146 -3.87 -15.61 2.36
C GLY A 146 -4.87 -16.28 3.14
N VAL A 147 -4.60 -16.59 4.37
CA VAL A 147 -5.43 -17.23 5.34
C VAL A 147 -6.65 -16.38 5.52
N ILE A 148 -7.76 -17.14 5.59
CA ILE A 148 -9.10 -16.58 5.78
C ILE A 148 -9.29 -16.47 7.35
N GLY A 149 -9.54 -15.24 7.78
CA GLY A 149 -9.75 -15.04 9.21
C GLY A 149 -11.03 -14.38 9.50
N ILE A 150 -11.45 -14.38 10.74
CA ILE A 150 -12.73 -13.75 11.19
C ILE A 150 -12.63 -12.22 11.05
N ALA A 151 -13.65 -11.47 10.76
CA ALA A 151 -13.68 -10.08 10.63
C ALA A 151 -14.90 -9.50 11.36
N LYS A 152 -14.87 -8.16 11.45
CA LYS A 152 -16.06 -7.50 12.10
C LYS A 152 -17.46 -7.76 12.12
C ACE B 1 -8.10 -27.46 16.01
O ACE B 1 -7.89 -27.70 14.74
CH3 ACE B 1 -9.32 -26.85 16.33
N ALA B 2 -7.16 -27.82 16.84
CA ALA B 2 -5.90 -28.33 16.10
C ALA B 2 -5.06 -28.86 17.26
N THR B 3 -3.98 -29.45 16.93
CA THR B 3 -2.98 -30.08 17.65
C THR B 3 -1.73 -29.31 17.58
N LYS B 4 -1.48 -28.60 16.52
CA LYS B 4 -0.23 -27.75 16.34
C LYS B 4 -0.75 -26.57 15.56
N ALA B 5 -0.26 -25.38 15.68
CA ALA B 5 -0.52 -24.07 15.11
C ALA B 5 0.78 -23.33 14.93
N VAL B 6 0.81 -22.18 14.26
CA VAL B 6 2.06 -21.41 14.06
C VAL B 6 1.64 -19.98 13.84
N ALA B 7 2.45 -18.96 14.36
CA ALA B 7 1.98 -17.59 14.06
C ALA B 7 3.11 -16.96 13.31
N VAL B 8 2.98 -16.24 12.22
CA VAL B 8 4.22 -15.62 11.57
C VAL B 8 4.16 -14.12 11.95
N LEU B 9 5.08 -13.71 12.80
CA LEU B 9 5.03 -12.25 13.16
C LEU B 9 5.79 -11.28 12.26
N LYS B 10 5.13 -10.21 11.80
CA LYS B 10 5.68 -9.21 10.96
C LYS B 10 4.99 -7.89 11.41
N GLY B 11 5.77 -6.86 11.13
CA GLY B 11 5.30 -5.49 11.46
C GLY B 11 5.92 -4.60 10.39
N ASP B 12 5.63 -3.31 10.59
CA ASP B 12 6.17 -2.27 9.64
C ASP B 12 7.55 -1.85 10.07
N GLY B 13 8.09 -2.46 11.08
CA GLY B 13 9.35 -2.30 11.68
C GLY B 13 10.22 -3.51 11.51
N PRO B 14 11.45 -3.51 12.08
CA PRO B 14 12.39 -4.55 12.06
C PRO B 14 12.12 -5.86 12.77
N VAL B 15 11.25 -6.04 13.68
CA VAL B 15 10.87 -7.16 14.48
C VAL B 15 10.18 -8.25 13.63
N GLN B 16 10.61 -9.43 13.97
CA GLN B 16 9.99 -10.59 13.22
C GLN B 16 10.18 -11.89 13.95
N GLY B 17 9.37 -12.86 13.57
CA GLY B 17 9.55 -14.16 14.24
C GLY B 17 8.59 -15.27 13.93
N THR B 18 8.95 -16.48 14.39
CA THR B 18 8.00 -17.62 14.15
C THR B 18 7.63 -18.27 15.48
N ILE B 19 6.40 -18.42 15.86
CA ILE B 19 5.96 -19.03 17.06
C ILE B 19 5.26 -20.31 16.75
N HIS B 20 5.61 -21.38 17.44
CA HIS B 20 4.99 -22.69 17.20
C HIS B 20 4.21 -23.04 18.43
N PHE B 21 3.16 -23.71 18.37
CA PHE B 21 2.33 -24.11 19.45
C PHE B 21 1.93 -25.58 19.31
N GLU B 22 1.93 -26.29 20.48
CA GLU B 22 1.54 -27.65 20.47
C GLU B 22 0.76 -28.01 21.71
N ALA B 23 -0.28 -28.72 21.59
CA ALA B 23 -1.28 -29.25 22.51
C ALA B 23 -0.56 -30.35 23.19
N LYS B 24 -0.40 -30.53 24.39
CA LYS B 24 0.21 -31.46 25.24
C LYS B 24 -0.67 -31.37 26.52
N GLY B 25 -1.56 -32.34 26.34
CA GLY B 25 -2.59 -32.60 27.38
C GLY B 25 -3.52 -31.37 27.31
N ASP B 26 -3.87 -30.81 28.36
CA ASP B 26 -4.66 -29.72 28.79
C ASP B 26 -3.88 -28.42 28.70
N THR B 27 -2.65 -28.35 28.32
CA THR B 27 -1.72 -27.22 28.12
C THR B 27 -1.32 -26.97 26.68
N VAL B 28 -0.66 -25.75 26.45
CA VAL B 28 -0.23 -25.45 25.07
C VAL B 28 1.30 -25.21 25.16
N VAL B 29 2.23 -25.69 24.42
CA VAL B 29 3.72 -25.42 24.56
C VAL B 29 3.92 -24.52 23.39
N VAL B 30 4.54 -23.33 23.65
CA VAL B 30 4.80 -22.28 22.75
C VAL B 30 6.25 -22.20 22.61
N THR B 31 6.85 -22.20 21.46
CA THR B 31 8.24 -22.13 21.24
C THR B 31 8.51 -21.26 20.05
N GLY B 32 9.76 -20.96 19.75
CA GLY B 32 10.04 -20.09 18.51
C GLY B 32 10.92 -18.95 18.76
N SER B 33 11.18 -17.99 17.89
CA SER B 33 12.10 -16.83 18.22
C SER B 33 11.62 -15.58 17.64
N ILE B 34 12.03 -14.42 18.00
CA ILE B 34 11.77 -13.02 17.63
C ILE B 34 13.09 -12.35 17.50
N THR B 35 13.46 -11.68 16.53
CA THR B 35 14.74 -10.98 16.35
C THR B 35 14.40 -9.56 16.07
N GLY B 36 15.34 -8.67 16.11
CA GLY B 36 15.01 -7.28 15.79
C GLY B 36 14.46 -6.62 17.00
N LEU B 37 14.66 -7.10 18.15
CA LEU B 37 14.11 -6.46 19.39
C LEU B 37 15.22 -5.72 20.22
N THR B 38 14.47 -4.88 21.01
CA THR B 38 15.24 -3.99 21.97
C THR B 38 15.41 -4.90 23.15
N GLU B 39 16.53 -5.02 23.81
CA GLU B 39 17.13 -5.75 24.88
C GLU B 39 16.25 -5.50 26.02
N GLY B 40 15.90 -6.65 26.58
CA GLY B 40 14.99 -6.59 27.77
C GLY B 40 13.72 -7.37 27.36
N ASP B 41 12.74 -7.07 28.21
CA ASP B 41 11.44 -7.58 28.22
C ASP B 41 10.37 -6.84 27.39
N HIS B 42 9.52 -7.78 26.88
CA HIS B 42 8.45 -7.39 26.02
C HIS B 42 7.10 -7.95 26.23
N GLY B 43 5.96 -7.23 26.30
CA GLY B 43 4.76 -8.03 26.53
C GLY B 43 4.57 -8.98 25.23
N PHE B 44 3.98 -10.04 25.46
CA PHE B 44 3.64 -11.08 24.48
C PHE B 44 2.20 -11.49 24.75
N HIS B 45 1.13 -11.21 24.01
CA HIS B 45 -0.17 -11.66 24.37
C HIS B 45 -1.06 -12.20 23.28
N VAL B 46 -2.10 -12.84 23.41
CA VAL B 46 -2.87 -13.24 22.12
C VAL B 46 -3.96 -12.15 22.28
N HIS B 47 -4.07 -11.47 21.13
CA HIS B 47 -5.08 -10.35 20.97
C HIS B 47 -6.28 -11.15 20.36
N GLN B 48 -7.47 -10.60 20.74
CA GLN B 48 -8.61 -11.32 20.27
C GLN B 48 -8.97 -11.50 18.86
N PHE B 49 -8.80 -10.66 17.91
CA PHE B 49 -9.21 -10.90 16.49
C PHE B 49 -8.02 -11.22 15.52
N GLY B 50 -8.41 -12.13 14.59
CA GLY B 50 -7.31 -12.43 13.64
C GLY B 50 -7.50 -11.62 12.34
N ASP B 51 -7.64 -10.31 12.58
CA ASP B 51 -7.86 -9.29 11.65
C ASP B 51 -6.58 -8.41 11.50
N ASN B 52 -5.92 -8.51 10.33
CA ASN B 52 -4.70 -7.75 10.00
C ASN B 52 -4.97 -6.69 8.99
N THR B 53 -6.15 -6.22 8.76
CA THR B 53 -6.73 -5.19 7.85
C THR B 53 -6.20 -3.78 8.16
N GLN B 54 -5.82 -3.42 9.28
CA GLN B 54 -5.29 -2.29 9.85
C GLN B 54 -4.09 -2.76 10.66
N GLY B 55 -3.21 -3.57 10.04
CA GLY B 55 -2.06 -4.04 10.77
C GLY B 55 -2.51 -4.70 12.05
N CYS B 56 -1.74 -4.55 13.06
CA CYS B 56 -1.80 -4.99 14.42
C CYS B 56 -2.91 -4.28 15.21
N THR B 57 -3.36 -3.17 14.79
CA THR B 57 -4.42 -2.33 15.37
C THR B 57 -5.78 -3.10 15.32
N SER B 58 -6.11 -3.61 14.27
CA SER B 58 -7.43 -4.41 14.15
C SER B 58 -7.41 -5.68 14.89
N ALA B 59 -6.45 -6.27 15.57
CA ALA B 59 -6.43 -7.50 16.34
C ALA B 59 -7.27 -7.22 17.64
N GLY B 60 -7.79 -5.99 17.93
CA GLY B 60 -8.58 -5.73 19.12
C GLY B 60 -7.77 -5.93 20.34
N PRO B 61 -8.46 -6.09 21.50
CA PRO B 61 -7.95 -6.28 22.81
C PRO B 61 -7.39 -7.65 23.13
N HIS B 62 -6.94 -7.94 24.23
CA HIS B 62 -6.44 -9.16 24.71
C HIS B 62 -7.71 -10.11 24.68
N PHE B 63 -7.45 -11.39 24.39
CA PHE B 63 -8.53 -12.39 24.34
C PHE B 63 -8.66 -12.70 25.79
N ASN B 64 -9.64 -12.55 26.54
CA ASN B 64 -10.42 -12.56 27.77
C ASN B 64 -11.94 -12.93 27.74
N PRO B 65 -12.27 -14.18 27.32
CA PRO B 65 -13.63 -14.65 27.22
C PRO B 65 -14.29 -14.54 28.58
N LEU B 66 -13.46 -14.57 29.57
CA LEU B 66 -14.00 -14.49 31.01
C LEU B 66 -14.07 -13.06 31.55
N SER B 67 -13.89 -12.04 30.88
CA SER B 67 -13.94 -10.67 31.39
C SER B 67 -13.17 -10.39 32.70
N LYS B 68 -12.03 -10.79 32.93
CA LYS B 68 -11.09 -10.68 33.97
C LYS B 68 -10.23 -9.45 33.71
N LYS B 69 -9.40 -9.08 34.57
CA LYS B 69 -8.49 -7.98 34.48
C LYS B 69 -7.17 -8.59 34.02
N HIS B 70 -6.29 -7.75 33.39
CA HIS B 70 -5.02 -8.24 32.95
C HIS B 70 -4.11 -8.72 34.01
N GLY B 71 -3.32 -9.74 33.85
CA GLY B 71 -2.38 -10.27 34.82
C GLY B 71 -1.23 -10.98 34.18
N GLY B 72 -0.43 -11.74 34.80
CA GLY B 72 0.69 -12.53 34.44
C GLY B 72 0.15 -13.92 34.21
N PRO B 73 0.98 -14.72 33.45
CA PRO B 73 0.61 -16.06 33.10
C PRO B 73 0.38 -16.98 34.28
N LYS B 74 0.95 -16.70 35.44
CA LYS B 74 0.82 -17.39 36.69
C LYS B 74 -0.38 -16.81 37.49
N ASP B 75 -1.01 -15.68 37.20
CA ASP B 75 -2.10 -15.23 38.09
C ASP B 75 -3.41 -15.91 37.88
N GLU B 76 -4.26 -16.02 38.95
CA GLU B 76 -5.55 -16.71 38.66
C GLU B 76 -6.25 -15.57 37.89
N GLU B 77 -6.05 -14.43 38.38
CA GLU B 77 -6.74 -13.21 37.66
C GLU B 77 -5.90 -12.64 36.54
N ARG B 78 -6.21 -13.09 35.30
CA ARG B 78 -5.54 -12.68 34.08
C ARG B 78 -6.47 -12.90 32.92
N HIS B 79 -6.01 -12.35 31.76
CA HIS B 79 -6.81 -12.51 30.46
C HIS B 79 -6.47 -13.92 29.82
N VAL B 80 -7.27 -14.53 29.09
CA VAL B 80 -6.81 -15.89 28.57
C VAL B 80 -5.56 -15.62 27.78
N GLY B 81 -5.56 -14.40 27.08
CA GLY B 81 -4.26 -14.25 26.35
C GLY B 81 -3.01 -13.70 26.90
N ASP B 82 -2.90 -13.52 28.18
CA ASP B 82 -1.73 -12.98 28.92
C ASP B 82 -0.59 -13.94 28.99
N LEU B 83 0.46 -13.87 28.24
CA LEU B 83 1.58 -14.87 28.36
C LEU B 83 2.75 -14.16 28.88
N GLY B 84 2.69 -12.99 29.55
CA GLY B 84 3.71 -12.24 30.09
C GLY B 84 4.67 -11.66 29.10
N ASN B 85 5.93 -11.72 29.40
CA ASN B 85 7.10 -11.30 28.76
C ASN B 85 7.97 -12.42 28.16
N VAL B 86 8.66 -12.04 27.15
CA VAL B 86 9.65 -12.64 26.27
C VAL B 86 10.82 -11.55 26.47
N THR B 87 11.99 -12.19 26.71
CA THR B 87 13.22 -11.33 26.93
C THR B 87 14.14 -11.24 25.77
N ALA B 88 14.65 -10.36 25.04
CA ALA B 88 15.60 -10.33 23.96
C ALA B 88 16.96 -10.30 24.66
N ASP B 89 18.00 -10.70 23.97
CA ASP B 89 19.39 -10.69 24.57
C ASP B 89 20.00 -9.41 24.00
N LYS B 90 21.32 -9.09 24.07
CA LYS B 90 21.64 -7.80 23.47
C LYS B 90 21.78 -7.85 21.99
N ASN B 91 21.39 -8.99 21.36
CA ASN B 91 21.54 -8.93 19.89
C ASN B 91 20.15 -8.76 19.38
N GLY B 92 19.20 -8.71 20.20
CA GLY B 92 17.78 -8.54 19.92
C GLY B 92 17.06 -9.87 19.83
N VAL B 93 17.61 -11.00 20.25
CA VAL B 93 16.87 -12.22 20.10
C VAL B 93 16.06 -12.66 21.37
N ALA B 94 14.74 -12.91 21.12
CA ALA B 94 13.97 -13.37 22.29
C ALA B 94 13.83 -14.92 21.97
N ILE B 95 13.99 -15.81 22.94
CA ILE B 95 13.87 -17.25 22.70
C ILE B 95 12.54 -17.52 23.43
N VAL B 96 11.46 -17.82 22.77
CA VAL B 96 10.22 -18.06 23.50
C VAL B 96 10.17 -19.54 23.82
N ASP B 97 9.87 -19.86 25.04
CA ASP B 97 9.72 -21.14 25.67
C ASP B 97 8.69 -20.99 26.75
N ILE B 98 7.47 -21.25 26.74
CA ILE B 98 6.44 -21.14 27.73
C ILE B 98 5.62 -22.28 27.80
N VAL B 99 4.95 -22.85 28.71
CA VAL B 99 4.08 -24.07 28.58
C VAL B 99 2.86 -23.40 29.17
N ASP B 100 1.69 -23.32 28.65
CA ASP B 100 0.62 -22.57 29.38
C ASP B 100 -0.59 -23.35 29.40
N PRO B 101 -1.22 -23.50 30.54
CA PRO B 101 -2.45 -24.23 30.65
C PRO B 101 -3.74 -23.55 30.44
N LEU B 102 -3.87 -22.22 30.14
CA LEU B 102 -5.15 -21.59 29.96
C LEU B 102 -5.49 -21.45 28.55
N ILE B 103 -4.56 -21.21 27.71
CA ILE B 103 -4.86 -21.08 26.21
C ILE B 103 -5.06 -22.51 25.75
N SER B 104 -5.65 -22.65 24.61
CA SER B 104 -6.00 -23.86 23.95
C SER B 104 -5.99 -23.93 22.50
N LEU B 105 -5.80 -24.93 21.76
CA LEU B 105 -5.81 -25.01 20.27
C LEU B 105 -7.20 -25.61 19.93
N SER B 106 -8.10 -25.82 20.85
CA SER B 106 -9.46 -26.33 20.40
C SER B 106 -10.40 -25.87 21.52
N GLY B 107 -11.65 -25.87 21.17
CA GLY B 107 -12.71 -25.50 22.05
C GLY B 107 -12.75 -23.99 22.24
N GLU B 108 -13.65 -23.70 23.17
CA GLU B 108 -14.04 -22.33 23.68
C GLU B 108 -12.93 -21.33 23.68
N TYR B 109 -11.84 -21.68 24.35
CA TYR B 109 -10.63 -20.86 24.50
C TYR B 109 -9.63 -21.10 23.41
N SER B 110 -10.12 -21.61 22.28
CA SER B 110 -9.08 -21.82 21.21
C SER B 110 -8.51 -20.54 20.74
N ILE B 111 -7.21 -20.45 20.48
CA ILE B 111 -6.50 -19.23 20.01
C ILE B 111 -6.27 -19.36 18.53
N ILE B 112 -6.64 -20.39 17.84
CA ILE B 112 -6.47 -20.54 16.42
C ILE B 112 -7.42 -19.51 15.81
N GLY B 113 -6.77 -18.72 14.82
CA GLY B 113 -7.48 -17.62 14.08
C GLY B 113 -7.42 -16.20 14.79
N ARG B 114 -6.76 -16.09 15.87
CA ARG B 114 -6.61 -14.87 16.64
C ARG B 114 -5.14 -14.28 16.50
N THR B 115 -4.80 -13.31 17.24
CA THR B 115 -3.42 -12.76 16.98
C THR B 115 -2.46 -12.80 18.05
N MET B 116 -1.26 -13.12 17.70
CA MET B 116 -0.17 -13.20 18.64
C MET B 116 0.51 -11.83 18.47
N VAL B 117 0.77 -11.06 19.59
CA VAL B 117 1.41 -9.75 19.31
C VAL B 117 2.59 -9.67 20.31
N VAL B 118 3.70 -9.07 19.91
CA VAL B 118 4.92 -8.86 20.67
C VAL B 118 4.85 -7.33 20.81
N HIS B 119 5.01 -6.92 22.07
CA HIS B 119 4.94 -5.43 22.35
C HIS B 119 6.24 -4.73 22.61
N GLU B 120 6.12 -3.38 22.39
CA GLU B 120 7.19 -2.42 22.55
C GLU B 120 7.80 -2.40 23.90
N LYS B 121 7.03 -2.48 24.98
CA LYS B 121 7.57 -2.47 26.35
C LYS B 121 7.21 -3.70 27.08
N PRO B 122 7.90 -3.77 28.31
CA PRO B 122 7.67 -4.92 29.14
C PRO B 122 6.27 -4.84 29.68
N ASP B 123 5.72 -6.03 30.04
CA ASP B 123 4.39 -6.19 30.63
C ASP B 123 4.63 -6.08 32.17
N ASP B 124 3.77 -5.25 32.79
CA ASP B 124 3.83 -4.93 34.27
C ASP B 124 3.03 -5.97 34.98
N LEU B 125 2.32 -6.68 34.16
CA LEU B 125 1.48 -7.83 34.77
C LEU B 125 0.38 -7.35 35.54
N GLY B 126 -0.28 -6.26 35.28
CA GLY B 126 -1.42 -5.75 36.02
C GLY B 126 -0.99 -5.27 37.34
N ARG B 127 0.29 -5.02 37.56
CA ARG B 127 0.65 -4.61 38.91
C ARG B 127 1.27 -3.24 38.95
N GLY B 128 0.92 -2.39 38.11
CA GLY B 128 1.42 -1.05 37.96
C GLY B 128 0.61 0.03 38.69
N GLY B 129 -0.56 -0.15 39.20
CA GLY B 129 -1.20 0.97 39.88
C GLY B 129 -1.97 1.97 39.08
N ASN B 130 -2.35 1.65 37.85
CA ASN B 130 -3.14 2.56 36.99
C ASN B 130 -4.21 1.74 36.19
N GLU B 131 -5.18 2.39 35.60
CA GLU B 131 -6.20 1.64 34.84
C GLU B 131 -5.57 0.87 33.70
N GLU B 132 -4.77 1.60 32.98
CA GLU B 132 -4.08 0.99 31.79
C GLU B 132 -3.35 -0.21 32.30
N SER B 133 -2.77 -0.28 33.45
CA SER B 133 -2.07 -1.68 33.77
C SER B 133 -3.07 -2.86 33.72
N THR B 134 -4.24 -2.72 34.24
CA THR B 134 -5.32 -3.66 34.35
C THR B 134 -5.97 -4.10 33.02
N LYS B 135 -5.74 -3.46 31.93
CA LYS B 135 -6.32 -3.90 30.66
C LYS B 135 -5.17 -4.33 29.75
N THR B 136 -3.96 -3.74 29.73
CA THR B 136 -2.82 -4.14 28.87
C THR B 136 -1.43 -4.25 29.49
N GLY B 137 -1.13 -4.06 30.78
CA GLY B 137 0.18 -4.17 31.34
C GLY B 137 1.06 -3.07 31.02
N ASN B 138 0.64 -2.03 30.41
CA ASN B 138 1.47 -0.82 30.01
C ASN B 138 2.47 -1.39 29.00
N ALA B 139 2.10 -2.26 28.03
CA ALA B 139 3.13 -2.75 27.14
C ALA B 139 3.44 -1.97 25.91
N GLY B 140 2.72 -0.95 25.80
CA GLY B 140 2.71 0.02 24.74
C GLY B 140 2.24 -0.57 23.40
N SER B 141 2.92 -0.18 22.43
CA SER B 141 2.92 -0.36 21.02
C SER B 141 3.10 -1.84 20.53
N ARG B 142 2.30 -2.13 19.56
CA ARG B 142 2.41 -3.58 19.06
C ARG B 142 3.30 -3.52 17.93
N LEU B 143 4.45 -4.03 18.07
CA LEU B 143 5.56 -4.13 17.16
C LEU B 143 5.36 -5.09 16.03
N ALA B 144 4.83 -6.33 16.39
CA ALA B 144 4.64 -7.31 15.27
C ALA B 144 3.50 -8.18 15.57
N CYS B 145 2.74 -8.81 14.76
CA CYS B 145 1.63 -9.69 15.14
C CYS B 145 1.36 -10.62 13.94
N GLY B 146 0.56 -11.66 14.09
CA GLY B 146 0.24 -12.56 13.07
C GLY B 146 -0.74 -13.52 13.47
N VAL B 147 -1.70 -13.83 12.67
CA VAL B 147 -2.78 -14.76 12.85
C VAL B 147 -2.17 -16.10 13.07
N ILE B 148 -2.80 -16.76 14.06
CA ILE B 148 -2.43 -18.12 14.49
C ILE B 148 -3.24 -19.09 13.55
N GLY B 149 -2.48 -19.93 12.86
CA GLY B 149 -3.12 -20.89 11.97
C GLY B 149 -2.73 -22.27 12.25
N ILE B 150 -3.44 -23.24 11.71
CA ILE B 150 -3.16 -24.69 11.91
C ILE B 150 -1.84 -25.06 11.22
N ALA B 151 -1.03 -25.97 11.68
CA ALA B 151 0.17 -26.41 11.13
C ALA B 151 0.26 -27.95 11.13
N LYS B 152 1.30 -28.41 10.44
CA LYS B 152 1.49 -29.91 10.43
C LYS B 152 1.28 -30.95 11.39
C ACE C 1 -0.10 22.16 -20.99
O ACE C 1 0.82 21.27 -21.23
CH3 ACE C 1 0.36 23.42 -20.55
N ALA C 2 -1.33 21.80 -21.19
CA ALA C 2 -1.44 20.31 -21.54
C ALA C 2 -2.91 20.19 -21.92
N THR C 3 -3.28 19.06 -22.36
CA THR C 3 -4.49 18.54 -22.83
C THR C 3 -5.04 17.56 -21.88
N LYS C 4 -4.22 16.85 -21.17
CA LYS C 4 -4.66 15.80 -20.16
C LYS C 4 -3.62 15.92 -19.09
N ALA C 5 -3.87 15.71 -17.84
CA ALA C 5 -3.13 15.74 -16.59
C ALA C 5 -3.62 14.64 -15.67
N VAL C 6 -2.96 14.37 -14.55
CA VAL C 6 -3.40 13.31 -13.62
C VAL C 6 -2.86 13.68 -12.27
N ALA C 7 -3.62 13.41 -11.13
CA ALA C 7 -2.99 13.78 -9.85
C ALA C 7 -2.92 12.49 -9.08
N VAL C 8 -1.87 12.07 -8.40
CA VAL C 8 -1.95 10.76 -7.65
C VAL C 8 -2.09 11.17 -6.16
N LEU C 9 -3.25 10.92 -5.60
CA LEU C 9 -3.37 11.31 -4.15
C LEU C 9 -2.95 10.29 -3.11
N LYS C 10 -2.10 10.70 -2.15
CA LYS C 10 -1.59 9.88 -1.11
C LYS C 10 -1.48 10.85 0.11
N GLY C 11 -1.57 10.15 1.23
CA GLY C 11 -1.47 10.87 2.54
C GLY C 11 -0.81 9.85 3.49
N ASP C 12 -0.71 10.33 4.73
CA ASP C 12 -0.10 9.48 5.80
C ASP C 12 -1.18 8.62 6.42
N GLY C 13 -2.36 8.67 5.92
CA GLY C 13 -3.55 7.96 6.27
C GLY C 13 -3.99 7.02 5.19
N PRO C 14 -5.13 6.31 5.37
CA PRO C 14 -5.71 5.42 4.48
C PRO C 14 -6.30 5.89 3.17
N VAL C 15 -6.60 7.10 2.88
CA VAL C 15 -7.18 7.73 1.73
C VAL C 15 -6.19 7.73 0.54
N GLN C 16 -6.81 7.43 -0.56
CA GLN C 16 -5.96 7.42 -1.81
C GLN C 16 -6.79 7.51 -3.07
N GLY C 17 -6.14 7.88 -4.14
CA GLY C 17 -6.92 7.96 -5.39
C GLY C 17 -6.25 8.47 -6.63
N THR C 18 -6.95 8.30 -7.77
CA THR C 18 -6.33 8.84 -9.04
C THR C 18 -7.30 9.80 -9.69
N ILE C 19 -6.96 11.02 -10.01
CA ILE C 19 -7.79 11.97 -10.64
C ILE C 19 -7.28 12.26 -12.03
N HIS C 20 -8.14 12.23 -13.02
CA HIS C 20 -7.74 12.48 -14.40
C HIS C 20 -8.36 13.77 -14.82
N PHE C 21 -7.82 14.53 -15.64
CA PHE C 21 -8.30 15.77 -16.13
C PHE C 21 -8.11 15.87 -17.65
N GLU C 22 -9.15 16.45 -18.32
CA GLU C 22 -9.07 16.61 -19.72
C GLU C 22 -9.71 17.90 -20.16
N ALA C 23 -9.11 18.62 -21.01
CA ALA C 23 -9.39 19.90 -21.66
C ALA C 23 -10.45 19.57 -22.63
N LYS C 24 -11.56 20.08 -22.75
CA LYS C 24 -12.69 19.94 -23.57
C LYS C 24 -13.27 21.39 -23.57
N GLY C 25 -12.72 21.92 -24.67
CA GLY C 25 -13.06 23.31 -25.04
C GLY C 25 -12.38 24.18 -23.96
N ASP C 26 -13.01 25.12 -23.43
CA ASP C 26 -12.84 26.11 -22.45
C ASP C 26 -13.06 25.55 -21.05
N THR C 27 -13.40 24.34 -20.83
CA THR C 27 -13.65 23.57 -19.57
C THR C 27 -12.63 22.48 -19.31
N VAL C 28 -12.67 21.92 -18.02
CA VAL C 28 -11.74 20.85 -17.69
C VAL C 28 -12.62 19.66 -17.22
N VAL C 29 -12.55 18.42 -17.60
CA VAL C 29 -13.44 17.30 -17.11
C VAL C 29 -12.49 16.58 -16.23
N VAL C 30 -12.92 16.34 -14.96
CA VAL C 30 -12.23 15.73 -13.91
C VAL C 30 -12.88 14.47 -13.62
N THR C 31 -12.26 13.34 -13.56
CA THR C 31 -12.81 12.07 -13.29
C THR C 31 -11.87 11.28 -12.43
N GLY C 32 -12.27 10.11 -11.97
CA GLY C 32 -11.31 9.29 -11.09
C GLY C 32 -11.88 8.81 -9.83
N SER C 33 -11.21 8.21 -8.87
CA SER C 33 -11.87 7.76 -7.58
C SER C 33 -11.02 7.97 -6.42
N ILE C 34 -11.43 7.95 -5.21
CA ILE C 34 -10.84 8.11 -3.87
C ILE C 34 -11.39 7.01 -3.02
N THR C 35 -10.71 6.24 -2.33
CA THR C 35 -11.19 5.16 -1.46
C THR C 35 -10.63 5.43 -0.12
N GLY C 36 -11.08 4.76 0.90
CA GLY C 36 -10.51 5.01 2.22
C GLY C 36 -11.17 6.21 2.84
N LEU C 37 -12.29 6.62 2.40
CA LEU C 37 -12.95 7.83 2.99
C LEU C 37 -14.17 7.45 3.90
N THR C 38 -14.36 8.59 4.65
CA THR C 38 -15.48 8.58 5.64
C THR C 38 -16.65 8.99 4.80
N GLU C 39 -17.81 8.39 4.85
CA GLU C 39 -19.11 8.42 4.25
C GLU C 39 -19.56 9.80 4.38
N GLY C 40 -19.95 10.29 3.21
CA GLY C 40 -20.44 11.70 3.17
C GLY C 40 -19.48 12.45 2.20
N ASP C 41 -19.63 13.75 2.39
CA ASP C 41 -18.98 14.79 1.71
C ASP C 41 -17.64 15.30 2.27
N HIS C 42 -16.84 15.61 1.20
CA HIS C 42 -15.50 16.08 1.42
C HIS C 42 -15.00 17.24 0.69
N GLY C 43 -14.36 18.30 1.23
CA GLY C 43 -13.99 19.34 0.30
C GLY C 43 -12.90 18.69 -0.71
N PHE C 44 -12.86 19.18 -1.84
CA PHE C 44 -11.96 18.82 -2.94
C PHE C 44 -11.45 20.11 -3.54
N HIS C 45 -10.22 20.63 -3.43
CA HIS C 45 -9.85 21.86 -4.04
C HIS C 45 -8.51 21.93 -4.73
N VAL C 46 -8.13 22.80 -5.51
CA VAL C 46 -6.66 22.69 -6.03
C VAL C 46 -6.11 23.79 -5.10
N HIS C 47 -5.02 23.33 -4.47
CA HIS C 47 -4.24 24.19 -3.52
C HIS C 47 -3.15 24.76 -4.49
N GLN C 48 -2.76 26.01 -4.10
CA GLN C 48 -1.83 26.62 -5.00
C GLN C 48 -0.48 26.13 -5.24
N PHE C 49 0.32 25.54 -4.41
CA PHE C 49 1.69 25.07 -4.74
C PHE C 49 1.82 23.53 -4.90
N GLY C 50 2.73 23.25 -5.89
CA GLY C 50 2.89 21.79 -6.05
C GLY C 50 4.16 21.32 -5.31
N ASP C 51 4.16 21.68 -4.02
CA ASP C 51 5.16 21.46 -3.06
C ASP C 51 4.68 20.41 -2.02
N ASN C 52 5.29 19.22 -2.05
CA ASN C 52 4.96 18.10 -1.13
C ASN C 52 6.06 17.88 -0.15
N THR C 53 6.93 18.78 0.15
CA THR C 53 8.11 18.87 1.07
C THR C 53 7.70 18.75 2.53
N GLN C 54 6.58 19.09 2.97
CA GLN C 54 5.94 19.08 4.18
C GLN C 54 4.56 18.49 3.91
N GLY C 55 4.53 17.33 3.22
CA GLY C 55 3.25 16.73 2.92
C GLY C 55 2.36 17.73 2.25
N CYS C 56 1.12 17.67 2.51
CA CYS C 56 -0.03 18.42 2.11
C CYS C 56 -0.01 19.85 2.68
N THR C 57 0.68 20.12 3.70
CA THR C 57 0.85 21.39 4.39
C THR C 57 1.56 22.42 3.43
N SER C 58 2.56 22.05 2.86
CA SER C 58 3.31 22.99 1.88
C SER C 58 2.56 23.25 0.63
N ALA C 59 1.40 22.76 0.20
CA ALA C 59 0.65 23.06 -0.99
C ALA C 59 0.04 24.50 -0.80
N GLY C 60 0.19 25.21 0.36
CA GLY C 60 -0.34 26.54 0.53
C GLY C 60 -1.83 26.53 0.47
N PRO C 61 -2.44 27.73 0.25
CA PRO C 61 -3.82 28.00 0.16
C PRO C 61 -4.52 27.57 -1.11
N HIS C 62 -5.72 27.77 -1.32
CA HIS C 62 -6.50 27.49 -2.45
C HIS C 62 -5.88 28.43 -3.57
N PHE C 63 -5.90 27.93 -4.80
CA PHE C 63 -5.37 28.69 -5.94
C PHE C 63 -6.54 29.56 -6.22
N ASN C 64 -6.62 30.80 -6.21
CA ASN C 64 -7.22 32.11 -6.30
C ASN C 64 -6.40 33.33 -6.87
N PRO C 65 -6.00 33.23 -8.17
CA PRO C 65 -5.22 34.26 -8.83
C PRO C 65 -5.99 35.56 -8.79
N LEU C 66 -7.26 35.42 -8.66
CA LEU C 66 -8.17 36.67 -8.63
C LEU C 66 -8.44 37.17 -7.22
N SER C 67 -7.88 36.76 -6.20
CA SER C 67 -8.15 37.22 -4.84
C SER C 67 -9.64 37.34 -4.42
N LYS C 68 -10.48 36.48 -4.64
CA LYS C 68 -11.85 36.30 -4.38
C LYS C 68 -11.99 35.55 -3.06
N LYS C 69 -13.12 35.39 -2.55
CA LYS C 69 -13.43 34.70 -1.34
C LYS C 69 -13.81 33.29 -1.77
N HIS C 70 -13.69 32.30 -0.83
CA HIS C 70 -14.07 30.95 -1.15
C HIS C 70 -15.48 30.73 -1.46
N GLY C 71 -15.89 29.88 -2.37
CA GLY C 71 -17.25 29.58 -2.73
C GLY C 71 -17.40 28.20 -3.30
N GLY C 72 -18.44 27.79 -3.93
CA GLY C 72 -18.82 26.59 -4.55
C GLY C 72 -18.46 26.77 -6.01
N PRO C 73 -18.35 25.58 -6.70
CA PRO C 73 -18.00 25.55 -8.10
C PRO C 73 -18.93 26.29 -9.01
N LYS C 74 -20.19 26.49 -8.63
CA LYS C 74 -21.22 27.21 -9.30
C LYS C 74 -21.20 28.72 -8.88
N ASP C 75 -20.50 29.19 -7.86
CA ASP C 75 -20.61 30.63 -7.54
C ASP C 75 -19.79 31.54 -8.41
N GLU C 76 -20.22 32.81 -8.61
CA GLU C 76 -19.35 33.65 -9.48
C GLU C 76 -18.22 33.92 -8.46
N GLU C 77 -18.62 34.15 -7.29
CA GLU C 77 -17.54 34.45 -6.20
C GLU C 77 -16.99 33.20 -5.54
N ARG C 78 -15.85 32.72 -6.07
CA ARG C 78 -15.15 31.53 -5.59
C ARG C 78 -13.70 31.65 -5.96
N HIS C 79 -12.93 30.68 -5.38
CA HIS C 79 -11.42 30.61 -5.67
C HIS C 79 -11.20 29.84 -7.04
N VAL C 80 -10.21 30.03 -7.78
CA VAL C 80 -10.16 29.22 -9.07
C VAL C 80 -10.16 27.77 -8.64
N GLY C 81 -9.46 27.53 -7.46
CA GLY C 81 -9.53 26.05 -7.14
C GLY C 81 -10.63 25.39 -6.42
N ASP C 82 -11.73 26.02 -6.19
CA ASP C 82 -12.93 25.51 -5.47
C ASP C 82 -13.71 24.51 -6.26
N LEU C 83 -13.65 23.23 -6.05
CA LEU C 83 -14.45 22.26 -6.89
C LEU C 83 -15.44 21.66 -6.01
N GLY C 84 -15.87 22.20 -4.85
CA GLY C 84 -16.79 21.73 -3.95
C GLY C 84 -16.44 20.45 -3.26
N ASN C 85 -17.38 19.56 -3.14
CA ASN C 85 -17.43 18.28 -2.57
C ASN C 85 -17.50 17.12 -3.57
N VAL C 86 -17.00 16.03 -3.12
CA VAL C 86 -16.87 14.66 -3.60
C VAL C 86 -17.56 13.92 -2.36
N THR C 87 -18.46 13.01 -2.81
CA THR C 87 -19.22 12.21 -1.78
C THR C 87 -18.75 10.82 -1.59
N ALA C 88 -18.34 10.08 -0.67
CA ALA C 88 -17.95 8.71 -0.53
C ALA C 88 -19.27 7.98 -0.29
N ASP C 89 -19.30 6.67 -0.56
CA ASP C 89 -20.55 5.87 -0.35
C ASP C 89 -20.28 5.17 0.99
N LYS C 90 -21.02 4.16 1.51
CA LYS C 90 -20.58 3.70 2.81
C LYS C 90 -19.41 2.76 2.75
N ASN C 91 -18.79 2.63 1.55
CA ASN C 91 -17.64 1.69 1.60
C ASN C 91 -16.43 2.57 1.55
N GLY C 92 -16.61 3.82 1.49
CA GLY C 92 -15.59 4.87 1.46
C GLY C 92 -15.25 5.28 0.04
N VAL C 93 -16.01 4.92 -1.00
CA VAL C 93 -15.60 5.34 -2.31
C VAL C 93 -16.26 6.65 -2.83
N ALA C 94 -15.36 7.59 -3.27
CA ALA C 94 -15.95 8.82 -3.81
C ALA C 94 -15.77 8.59 -5.37
N ILE C 95 -16.74 8.90 -6.20
CA ILE C 95 -16.61 8.72 -7.65
C ILE C 95 -16.53 10.20 -8.09
N VAL C 96 -15.42 10.69 -8.56
CA VAL C 96 -15.38 12.09 -8.94
C VAL C 96 -15.76 12.16 -10.40
N ASP C 97 -16.65 13.04 -10.73
CA ASP C 97 -17.22 13.38 -12.01
C ASP C 97 -17.54 14.85 -11.99
N ILE C 98 -16.90 15.83 -12.42
CA ILE C 98 -17.15 17.23 -12.42
C ILE C 98 -16.87 17.83 -13.67
N VAL C 99 -17.34 18.82 -14.30
CA VAL C 99 -16.86 19.35 -15.64
C VAL C 99 -16.63 20.75 -15.13
N ASP C 100 -15.56 21.45 -15.23
CA ASP C 100 -15.51 22.81 -14.63
C ASP C 100 -14.95 23.75 -15.56
N PRO C 101 -15.57 24.87 -15.77
CA PRO C 101 -15.07 25.87 -16.67
C PRO C 101 -14.13 26.90 -16.18
N LEU C 102 -13.68 26.98 -14.88
CA LEU C 102 -12.77 28.00 -14.45
C LEU C 102 -11.39 27.53 -14.39
N ILE C 103 -11.17 26.33 -14.04
CA ILE C 103 -9.75 25.76 -13.98
C ILE C 103 -9.39 25.53 -15.44
N SER C 104 -8.14 25.37 -15.69
CA SER C 104 -7.52 25.17 -16.95
C SER C 104 -6.31 24.37 -17.05
N LEU C 105 -5.90 23.68 -18.03
CA LEU C 105 -4.65 22.87 -18.14
C LEU C 105 -3.67 23.77 -18.93
N SER C 106 -3.97 24.99 -19.25
CA SER C 106 -2.91 25.82 -19.97
C SER C 106 -3.28 27.27 -19.61
N GLY C 107 -2.32 28.11 -19.80
CA GLY C 107 -2.45 29.51 -19.55
C GLY C 107 -2.43 29.81 -18.06
N GLU C 108 -2.69 31.09 -17.88
CA GLU C 108 -2.77 31.84 -16.57
C GLU C 108 -3.27 31.03 -15.42
N TYR C 109 -4.46 30.47 -15.61
CA TYR C 109 -5.17 29.63 -14.63
C TYR C 109 -4.83 28.17 -14.74
N SER C 110 -3.67 27.91 -15.34
CA SER C 110 -3.36 26.43 -15.42
C SER C 110 -3.15 25.84 -14.08
N ILE C 111 -3.63 24.63 -13.83
CA ILE C 111 -3.52 23.90 -12.53
C ILE C 111 -2.41 22.88 -12.66
N ILE C 112 -1.74 22.69 -13.74
CA ILE C 112 -0.65 21.76 -13.90
C ILE C 112 0.48 22.32 -13.03
N GLY C 113 1.02 21.33 -12.17
CA GLY C 113 2.13 21.61 -11.20
C GLY C 113 1.64 22.12 -9.77
N ARG C 114 0.39 22.16 -9.55
CA ARG C 114 -0.23 22.60 -8.30
C ARG C 114 -0.85 21.35 -7.51
N THR C 115 -1.55 21.59 -6.48
CA THR C 115 -2.03 20.37 -5.76
C THR C 115 -3.45 20.15 -5.64
N MET C 116 -3.84 18.94 -5.80
CA MET C 116 -5.22 18.53 -5.70
C MET C 116 -5.33 18.02 -4.25
N VAL C 117 -6.32 18.50 -3.43
CA VAL C 117 -6.32 17.96 -2.05
C VAL C 117 -7.77 17.53 -1.78
N VAL C 118 -8.00 16.46 -1.03
CA VAL C 118 -9.26 15.90 -0.65
C VAL C 118 -9.20 16.19 0.86
N HIS C 119 -10.31 16.79 1.32
CA HIS C 119 -10.36 17.16 2.79
C HIS C 119 -11.21 16.30 3.67
N GLU C 120 -10.84 16.41 4.99
CA GLU C 120 -11.44 15.72 6.09
C GLU C 120 -12.91 15.97 6.22
N LYS C 121 -13.39 17.19 6.06
CA LYS C 121 -14.83 17.50 6.18
C LYS C 121 -15.36 18.07 4.93
N PRO C 122 -16.77 18.17 4.98
CA PRO C 122 -17.45 18.69 3.83
C PRO C 122 -17.13 20.16 3.72
N ASP C 123 -17.25 20.69 2.48
CA ASP C 123 -17.03 22.09 2.15
C ASP C 123 -18.44 22.75 2.33
N ASP C 124 -18.41 23.89 3.03
CA ASP C 124 -19.64 24.69 3.39
C ASP C 124 -19.91 25.64 2.27
N LEU C 125 -18.90 25.70 1.45
CA LEU C 125 -19.06 26.62 0.21
C LEU C 125 -19.07 28.01 0.55
N GLY C 126 -18.39 28.52 1.53
CA GLY C 126 -18.33 29.92 1.88
C GLY C 126 -19.63 30.33 2.45
N ARG C 127 -20.48 29.43 2.88
CA ARG C 127 -21.76 29.91 3.38
C ARG C 127 -22.00 29.57 4.82
N GLY C 128 -21.03 29.49 5.59
CA GLY C 128 -21.04 29.13 6.99
C GLY C 128 -21.12 30.32 7.97
N GLY C 129 -20.92 31.55 7.62
CA GLY C 129 -21.03 32.57 8.65
C GLY C 129 -19.86 32.86 9.53
N ASN C 130 -18.65 32.46 9.13
CA ASN C 130 -17.42 32.75 9.90
C ASN C 130 -16.25 33.11 8.92
N GLU C 131 -15.17 33.66 9.41
CA GLU C 131 -14.05 34.01 8.51
C GLU C 131 -13.51 32.78 7.80
N GLU C 132 -13.27 31.79 8.63
CA GLU C 132 -12.71 30.49 8.09
C GLU C 132 -13.66 30.05 7.02
N SER C 133 -14.94 30.20 7.05
CA SER C 133 -15.71 29.65 5.78
C SER C 133 -15.25 30.32 4.47
N THR C 134 -15.04 31.59 4.44
CA THR C 134 -14.63 32.45 3.37
C THR C 134 -13.21 32.21 2.82
N LYS C 135 -12.37 31.48 3.45
CA LYS C 135 -11.02 31.23 2.92
C LYS C 135 -10.94 29.73 2.64
N THR C 136 -11.51 28.78 3.38
CA THR C 136 -11.46 27.32 3.14
C THR C 136 -12.74 26.49 3.24
N GLY C 137 -13.96 26.97 3.49
CA GLY C 137 -15.14 26.18 3.58
C GLY C 137 -15.26 25.39 4.78
N ASN C 138 -14.42 25.52 5.73
CA ASN C 138 -14.41 24.73 7.05
C ASN C 138 -14.17 23.29 6.60
N ALA C 139 -13.24 22.98 5.66
CA ALA C 139 -13.10 21.58 5.30
C ALA C 139 -12.17 20.72 6.08
N GLY C 140 -11.59 21.36 6.99
CA GLY C 140 -10.61 20.89 7.92
C GLY C 140 -9.29 20.48 7.25
N SER C 141 -8.82 19.44 7.71
CA SER C 141 -7.65 18.63 7.50
C SER C 141 -7.48 18.05 6.04
N ARG C 142 -6.26 18.16 5.63
CA ARG C 142 -6.04 17.64 4.19
C ARG C 142 -5.59 16.29 4.35
N LEU C 143 -6.37 15.35 4.01
CA LEU C 143 -6.22 13.93 4.05
C LEU C 143 -5.28 13.37 3.04
N ALA C 144 -5.40 13.88 1.76
CA ALA C 144 -4.45 13.32 0.74
C ALA C 144 -4.18 14.33 -0.29
N CYS C 145 -3.15 14.46 -1.03
CA CYS C 145 -2.95 15.49 -2.05
C CYS C 145 -1.89 14.96 -3.04
N GLY C 146 -1.67 15.59 -4.18
CA GLY C 146 -0.74 15.20 -5.15
C GLY C 146 -0.64 16.14 -6.22
N VAL C 147 0.53 16.45 -6.68
CA VAL C 147 0.88 17.35 -7.74
C VAL C 147 0.22 16.83 -8.98
N ILE C 148 -0.31 17.82 -9.70
CA ILE C 148 -1.00 17.62 -10.98
C ILE C 148 0.14 17.66 -12.08
N GLY C 149 0.21 16.56 -12.81
CA GLY C 149 1.21 16.51 -13.87
C GLY C 149 0.62 16.19 -15.19
N ILE C 150 1.38 16.38 -16.24
CA ILE C 150 0.92 16.10 -17.64
C ILE C 150 0.74 14.58 -17.84
N ALA C 151 -0.17 14.08 -18.63
CA ALA C 151 -0.41 12.74 -18.89
C ALA C 151 -0.60 12.51 -20.40
N LYS C 152 -0.63 11.21 -20.74
CA LYS C 152 -0.87 10.90 -22.19
C LYS C 152 -1.66 11.48 -23.22
C ACE D 1 9.84 28.70 -13.33
O ACE D 1 8.91 28.82 -12.43
CH3 ACE D 1 9.39 28.47 -14.64
N ALA D 2 11.06 28.80 -12.92
CA ALA D 2 11.15 28.90 -11.39
C ALA D 2 12.64 29.20 -11.18
N THR D 3 13.00 29.45 -9.99
CA THR D 3 14.21 29.79 -9.39
C THR D 3 14.70 28.68 -8.56
N LYS D 4 13.84 27.88 -7.99
CA LYS D 4 14.22 26.71 -7.10
C LYS D 4 13.15 25.71 -7.41
N ALA D 5 13.36 24.43 -7.40
CA ALA D 5 12.58 23.23 -7.64
C ALA D 5 13.02 22.14 -6.70
N VAL D 6 12.31 21.00 -6.62
CA VAL D 6 12.71 19.90 -5.71
C VAL D 6 12.13 18.64 -6.31
N ALA D 7 12.85 17.45 -6.20
CA ALA D 7 12.19 16.27 -6.78
C ALA D 7 12.06 15.31 -5.63
N VAL D 8 10.98 14.62 -5.34
CA VAL D 8 11.00 13.65 -4.17
C VAL D 8 11.11 12.25 -4.81
N LEU D 9 12.25 11.62 -4.63
CA LEU D 9 12.34 10.25 -5.24
C LEU D 9 11.86 9.08 -4.41
N LYS D 10 10.99 8.22 -4.97
CA LYS D 10 10.43 7.07 -4.35
C LYS D 10 10.30 6.03 -5.50
N GLY D 11 10.34 4.81 -4.98
CA GLY D 11 10.21 3.64 -5.90
C GLY D 11 9.51 2.57 -5.06
N ASP D 12 9.38 1.43 -5.74
CA ASP D 12 8.71 0.25 -5.08
C ASP D 12 9.75 -0.53 -4.30
N GLY D 13 10.95 -0.07 -4.25
CA GLY D 13 12.10 -0.57 -3.60
C GLY D 13 12.55 0.33 -2.49
N PRO D 14 13.67 -0.01 -1.80
CA PRO D 14 14.26 0.72 -0.76
C PRO D 14 14.90 2.07 -1.00
N VAL D 15 15.24 2.53 -2.15
CA VAL D 15 15.87 3.75 -2.58
C VAL D 15 14.92 4.95 -2.39
N GLN D 16 15.58 5.98 -1.93
CA GLN D 16 14.75 7.22 -1.73
C GLN D 16 15.64 8.46 -1.61
N GLY D 17 15.02 9.60 -1.81
CA GLY D 17 15.84 10.82 -1.68
C GLY D 17 15.22 12.15 -2.00
N THR D 18 15.95 13.22 -1.63
CA THR D 18 15.39 14.57 -1.97
C THR D 18 16.39 15.34 -2.80
N ILE D 19 16.10 15.86 -3.96
CA ILE D 19 16.97 16.61 -4.79
C ILE D 19 16.51 18.03 -4.85
N HIS D 20 17.39 18.97 -4.65
CA HIS D 20 17.04 20.40 -4.69
C HIS D 20 17.72 21.00 -5.88
N PHE D 21 17.21 21.94 -6.52
CA PHE D 21 17.73 22.60 -7.65
C PHE D 21 17.59 24.12 -7.51
N GLU D 22 18.67 24.85 -7.95
CA GLU D 22 18.64 26.25 -7.89
C GLU D 22 19.32 26.88 -9.08
N ALA D 23 18.76 27.84 -9.68
CA ALA D 23 19.09 28.67 -10.82
C ALA D 23 20.17 29.55 -10.32
N LYS D 24 21.30 29.71 -10.79
CA LYS D 24 22.45 30.46 -10.51
C LYS D 24 23.07 30.66 -11.92
N GLY D 25 22.56 31.85 -12.28
CA GLY D 25 22.94 32.43 -13.59
C GLY D 25 22.25 31.52 -14.64
N ASP D 26 22.89 31.13 -15.63
CA ASP D 26 22.71 30.32 -16.77
C ASP D 26 22.87 28.85 -16.43
N THR D 27 23.17 28.42 -15.27
CA THR D 27 23.37 27.06 -14.71
C THR D 27 22.32 26.65 -13.69
N VAL D 28 22.30 25.28 -13.35
CA VAL D 28 21.34 24.83 -12.35
C VAL D 28 22.17 24.15 -11.23
N VAL D 29 22.08 24.33 -9.95
CA VAL D 29 22.94 23.64 -8.92
C VAL D 29 21.94 22.68 -8.37
N VAL D 30 22.33 21.38 -8.30
CA VAL D 30 21.59 20.27 -7.90
C VAL D 30 22.20 19.76 -6.68
N THR D 31 21.55 19.55 -5.59
CA THR D 31 22.06 19.06 -4.36
C THR D 31 21.09 18.12 -3.75
N GLY D 32 21.45 17.46 -2.66
CA GLY D 32 20.44 16.50 -2.00
C GLY D 32 20.97 15.17 -1.72
N SER D 33 20.25 14.14 -1.30
CA SER D 33 20.86 12.78 -1.05
C SER D 33 19.97 11.69 -1.45
N ILE D 34 20.34 10.48 -1.61
CA ILE D 34 19.72 9.21 -1.99
C ILE D 34 20.21 8.17 -1.04
N THR D 35 19.50 7.40 -0.40
CA THR D 35 19.93 6.35 0.55
C THR D 35 19.32 5.09 0.05
N GLY D 36 19.73 3.96 0.55
CA GLY D 36 19.12 2.71 0.09
C GLY D 36 19.78 2.27 -1.18
N LEU D 37 20.93 2.73 -1.50
CA LEU D 37 21.60 2.32 -2.78
C LEU D 37 22.78 1.32 -2.52
N THR D 38 22.96 0.75 -3.76
CA THR D 38 24.06 -0.26 -3.88
C THR D 38 25.26 0.59 -4.14
N GLU D 39 26.41 0.41 -3.55
CA GLU D 39 27.73 0.96 -3.45
C GLU D 39 28.20 1.03 -4.82
N GLY D 40 28.65 2.24 -5.12
CA GLY D 40 29.17 2.50 -6.50
C GLY D 40 28.25 3.60 -7.10
N ASP D 41 28.42 3.61 -8.41
CA ASP D 41 27.82 4.48 -9.33
C ASP D 41 26.48 4.05 -9.95
N HIS D 42 25.73 5.18 -10.11
CA HIS D 42 24.38 5.08 -10.62
C HIS D 42 23.94 6.00 -11.67
N GLY D 43 23.31 5.65 -12.81
CA GLY D 43 22.99 6.77 -13.69
C GLY D 43 21.91 7.68 -12.90
N PHE D 44 21.92 8.89 -13.21
CA PHE D 44 21.05 9.94 -12.70
C PHE D 44 20.58 10.76 -13.89
N HIS D 45 19.36 10.77 -14.43
CA HIS D 45 19.05 11.59 -15.56
C HIS D 45 17.73 12.33 -15.54
N VAL D 46 17.39 13.24 -16.28
CA VAL D 46 15.95 13.80 -16.11
C VAL D 46 15.38 13.07 -17.36
N HIS D 47 14.26 12.41 -17.02
CA HIS D 47 13.47 11.64 -18.04
C HIS D 47 12.43 12.73 -18.46
N GLN D 48 12.07 12.55 -19.77
CA GLN D 48 11.17 13.56 -20.24
C GLN D 48 9.82 13.77 -19.75
N PHE D 49 8.99 12.89 -19.31
CA PHE D 49 7.60 13.18 -18.83
C PHE D 49 7.44 13.11 -17.28
N GLY D 50 6.56 14.06 -16.85
CA GLY D 50 6.38 13.99 -15.39
C GLY D 50 5.07 13.23 -15.06
N ASP D 51 5.04 12.03 -15.63
CA ASP D 51 4.00 11.08 -15.59
C ASP D 51 4.44 9.87 -14.71
N ASN D 52 3.79 9.73 -13.54
CA ASN D 52 4.06 8.64 -12.57
C ASN D 52 2.93 7.66 -12.54
N THR D 53 2.07 7.55 -13.48
CA THR D 53 0.87 6.70 -13.73
C THR D 53 1.24 5.21 -13.85
N GLN D 54 2.34 4.79 -14.23
CA GLN D 54 2.95 3.57 -14.40
C GLN D 54 4.32 3.71 -13.75
N GLY D 55 4.35 4.21 -12.50
CA GLY D 55 5.61 4.35 -11.84
C GLY D 55 6.54 5.15 -12.70
N CYS D 56 7.78 4.83 -12.65
CA CYS D 56 8.96 5.31 -13.31
C CYS D 56 8.96 4.98 -14.82
N THR D 57 8.24 4.04 -15.25
CA THR D 57 8.08 3.56 -16.62
C THR D 57 7.43 4.69 -17.50
N SER D 58 6.43 5.24 -17.07
CA SER D 58 5.75 6.38 -17.85
C SER D 58 6.53 7.62 -17.89
N ALA D 59 7.68 7.93 -17.34
CA ALA D 59 8.49 9.12 -17.41
C ALA D 59 9.12 9.16 -18.85
N GLY D 60 8.95 8.13 -19.74
CA GLY D 60 9.51 8.15 -21.08
C GLY D 60 10.99 8.15 -21.03
N PRO D 61 11.64 8.55 -22.17
CA PRO D 61 13.03 8.62 -22.39
C PRO D 61 13.76 9.78 -21.76
N HIS D 62 14.96 9.98 -21.90
CA HIS D 62 15.77 11.02 -21.43
C HIS D 62 15.21 12.29 -22.19
N PHE D 63 15.25 13.44 -21.51
CA PHE D 63 14.78 14.70 -22.08
C PHE D 63 15.97 15.07 -22.87
N ASN D 64 16.09 15.26 -24.10
CA ASN D 64 16.72 15.53 -25.37
C ASN D 64 15.95 16.32 -26.49
N PRO D 65 15.58 17.60 -26.19
CA PRO D 65 14.85 18.44 -27.12
C PRO D 65 15.65 18.58 -28.40
N LEU D 66 16.91 18.39 -28.25
CA LEU D 66 17.84 18.52 -29.47
C LEU D 66 18.08 17.20 -30.18
N SER D 67 17.48 16.14 -29.95
CA SER D 67 17.72 14.86 -30.62
C SER D 67 19.19 14.43 -30.79
N LYS D 68 20.02 14.48 -29.88
CA LYS D 68 21.38 14.15 -29.72
C LYS D 68 21.46 12.72 -29.19
N LYS D 69 22.57 12.15 -29.09
CA LYS D 69 22.82 10.83 -28.60
C LYS D 69 23.20 11.03 -27.13
N HIS D 70 23.02 9.94 -26.31
CA HIS D 70 23.37 10.03 -24.92
C HIS D 70 24.79 10.26 -24.62
N GLY D 71 25.20 11.00 -23.63
CA GLY D 71 26.58 11.28 -23.26
C GLY D 71 26.71 11.60 -21.80
N GLY D 72 27.75 12.12 -21.28
CA GLY D 72 28.13 12.53 -20.00
C GLY D 72 27.82 14.01 -19.93
N PRO D 73 27.71 14.51 -18.66
CA PRO D 73 27.39 15.90 -18.42
C PRO D 73 28.38 16.88 -18.99
N LYS D 74 29.62 16.50 -19.22
CA LYS D 74 30.69 17.24 -19.80
C LYS D 74 30.68 17.05 -21.36
N ASP D 75 29.97 16.14 -21.99
CA ASP D 75 30.10 16.06 -23.47
C ASP D 75 29.33 17.09 -24.24
N GLU D 76 29.80 17.46 -25.46
CA GLU D 76 28.98 18.49 -26.15
C GLU D 76 27.82 17.57 -26.61
N GLU D 77 28.19 16.44 -27.02
CA GLU D 77 27.07 15.45 -27.51
C GLU D 77 26.48 14.62 -26.39
N ARG D 78 25.34 15.09 -25.85
CA ARG D 78 24.61 14.47 -24.77
C ARG D 78 23.17 14.90 -24.85
N HIS D 79 22.36 14.21 -23.99
CA HIS D 79 20.86 14.53 -23.91
C HIS D 79 20.68 15.76 -22.93
N VAL D 80 19.72 16.55 -23.01
CA VAL D 80 19.69 17.71 -22.02
C VAL D 80 19.63 17.06 -20.65
N GLY D 81 18.89 15.87 -20.62
CA GLY D 81 18.93 15.31 -19.21
C GLY D 81 19.98 14.46 -18.66
N ASP D 82 21.09 14.30 -19.28
CA ASP D 82 22.26 13.47 -18.88
C ASP D 82 23.03 14.06 -17.75
N LEU D 83 22.93 13.66 -16.52
CA LEU D 83 23.73 14.30 -15.43
C LEU D 83 24.69 13.31 -14.94
N GLY D 84 25.09 12.23 -15.65
CA GLY D 84 25.97 11.23 -15.31
C GLY D 84 25.57 10.37 -14.18
N ASN D 85 26.49 10.07 -13.30
CA ASN D 85 26.49 9.31 -12.13
C ASN D 85 26.57 10.10 -10.82
N VAL D 86 26.04 9.51 -9.82
CA VAL D 86 25.89 9.77 -8.40
C VAL D 86 26.52 8.40 -7.86
N THR D 87 27.40 8.67 -6.86
CA THR D 87 28.11 7.50 -6.23
C THR D 87 27.62 7.12 -4.89
N ALA D 88 27.15 6.10 -4.32
CA ALA D 88 26.72 5.75 -3.00
C ALA D 88 28.02 5.36 -2.28
N ASP D 89 28.03 5.42 -0.96
CA ASP D 89 29.25 5.04 -0.17
C ASP D 89 28.92 3.62 0.30
N LYS D 90 29.63 2.92 1.22
CA LYS D 90 29.13 1.57 1.47
C LYS D 90 27.94 1.53 2.38
N ASN D 91 27.36 2.71 2.70
CA ASN D 91 26.18 2.56 3.59
C ASN D 91 25.01 2.78 2.70
N GLY D 92 25.22 3.03 1.48
CA GLY D 92 24.22 3.27 0.44
C GLY D 92 23.93 4.74 0.26
N VAL D 93 24.72 5.69 0.78
CA VAL D 93 24.36 7.06 0.58
C VAL D 93 25.06 7.75 -0.63
N ALA D 94 24.20 8.37 -1.49
CA ALA D 94 24.84 9.07 -2.62
C ALA D 94 24.70 10.59 -2.13
N ILE D 95 25.71 11.43 -2.30
CA ILE D 95 25.61 12.83 -1.90
C ILE D 95 25.58 13.50 -3.29
N VAL D 96 24.50 14.08 -3.72
CA VAL D 96 24.50 14.68 -5.04
C VAL D 96 24.94 16.12 -4.87
N ASP D 97 25.84 16.56 -5.67
CA ASP D 97 26.46 17.85 -5.78
C ASP D 97 26.82 18.05 -7.23
N ILE D 98 26.22 18.66 -8.14
CA ILE D 98 26.50 18.87 -9.52
C ILE D 98 26.27 20.20 -9.93
N VAL D 99 26.77 20.98 -10.80
CA VAL D 99 26.36 22.39 -11.11
C VAL D 99 26.14 22.12 -12.58
N ASP D 100 25.08 22.36 -13.27
CA ASP D 100 25.06 21.99 -14.71
C ASP D 100 24.54 23.08 -15.50
N PRO D 101 25.20 23.44 -16.56
CA PRO D 101 24.73 24.51 -17.42
C PRO D 101 23.81 24.22 -18.53
N LEU D 102 23.32 22.97 -18.83
CA LEU D 102 22.43 22.74 -19.92
C LEU D 102 21.04 22.64 -19.48
N ILE D 103 20.79 22.11 -18.35
CA ILE D 103 19.35 22.03 -17.82
C ILE D 103 19.02 23.44 -17.37
N SER D 104 17.78 23.69 -17.20
CA SER D 104 17.19 24.93 -16.81
C SER D 104 15.98 24.94 -16.02
N LEU D 105 15.57 25.82 -15.21
CA LEU D 105 14.32 25.84 -14.40
C LEU D 105 13.39 26.79 -15.18
N SER D 106 13.72 27.30 -16.33
CA SER D 106 12.71 28.16 -17.06
C SER D 106 13.09 28.04 -18.53
N GLY D 107 12.16 28.39 -19.35
CA GLY D 107 12.30 28.37 -20.78
C GLY D 107 12.25 26.94 -21.30
N GLU D 108 12.53 26.96 -22.59
CA GLU D 108 12.59 25.77 -23.54
C GLU D 108 13.04 24.50 -22.91
N TYR D 109 14.22 24.56 -22.30
CA TYR D 109 14.87 23.43 -21.63
C TYR D 109 14.51 23.32 -20.18
N SER D 110 13.36 23.90 -19.84
CA SER D 110 13.02 23.77 -18.37
C SER D 110 12.76 22.35 -18.00
N ILE D 111 13.20 21.90 -16.84
CA ILE D 111 13.02 20.50 -16.33
C ILE D 111 11.90 20.51 -15.33
N ILE D 112 11.26 21.57 -14.98
CA ILE D 112 10.16 21.62 -14.06
C ILE D 112 9.02 20.88 -14.77
N GLY D 113 8.43 19.90 -13.92
CA GLY D 113 7.29 19.03 -14.39
C GLY D 113 7.75 17.68 -15.10
N ARG D 114 8.99 17.42 -15.16
CA ARG D 114 9.58 16.24 -15.77
C ARG D 114 10.15 15.25 -14.67
N THR D 115 10.82 14.25 -15.04
CA THR D 115 11.25 13.32 -13.95
C THR D 115 12.65 13.11 -13.73
N MET D 116 13.03 13.07 -12.50
CA MET D 116 14.39 12.86 -12.09
C MET D 116 14.44 11.34 -11.82
N VAL D 117 15.43 10.57 -12.40
CA VAL D 117 15.36 9.13 -12.09
C VAL D 117 16.80 8.74 -11.69
N VAL D 118 16.98 7.83 -10.75
CA VAL D 118 18.21 7.31 -10.22
C VAL D 118 18.11 5.88 -10.75
N HIS D 119 19.21 5.48 -11.40
CA HIS D 119 19.23 4.08 -12.00
C HIS D 119 20.03 3.05 -11.28
N GLU D 120 19.62 1.77 -11.60
CA GLU D 120 20.17 0.56 -11.08
C GLU D 120 21.65 0.42 -11.32
N LYS D 121 22.16 0.76 -12.49
CA LYS D 121 23.59 0.64 -12.79
C LYS D 121 24.18 1.94 -13.15
N PRO D 122 25.59 1.86 -13.24
CA PRO D 122 26.32 3.05 -13.55
C PRO D 122 26.04 3.40 -14.99
N ASP D 123 26.21 4.71 -15.31
CA ASP D 123 26.03 5.26 -16.64
C ASP D 123 27.45 5.15 -17.30
N ASP D 124 27.42 4.63 -18.54
CA ASP D 124 28.65 4.36 -19.37
C ASP D 124 28.98 5.61 -20.11
N LEU D 125 28.00 6.46 -20.07
CA LEU D 125 28.23 7.83 -20.77
C LEU D 125 28.25 7.72 -22.19
N GLY D 126 27.54 6.86 -22.87
CA GLY D 126 27.52 6.72 -24.31
C GLY D 126 28.81 6.19 -24.78
N ARG D 127 29.61 5.59 -23.94
CA ARG D 127 30.89 5.13 -24.48
C ARG D 127 31.08 3.64 -24.36
N GLY D 128 30.09 2.90 -24.42
CA GLY D 128 30.05 1.47 -24.30
C GLY D 128 30.11 0.69 -25.62
N GLY D 129 29.96 1.23 -26.78
CA GLY D 129 30.06 0.38 -27.95
C GLY D 129 28.87 -0.40 -28.41
N ASN D 130 27.66 -0.03 -27.97
CA ASN D 130 26.41 -0.71 -28.39
C ASN D 130 25.28 0.36 -28.61
N GLU D 131 24.20 0.00 -29.25
CA GLU D 131 23.12 0.98 -29.48
C GLU D 131 22.58 1.50 -28.16
N GLU D 132 22.30 0.55 -27.32
CA GLU D 132 21.72 0.89 -25.97
C GLU D 132 22.68 1.84 -25.34
N SER D 133 23.97 1.79 -25.47
CA SER D 133 24.77 2.92 -24.71
C SER D 133 24.36 4.34 -25.17
N THR D 134 24.18 4.58 -26.43
CA THR D 134 23.83 5.79 -27.12
C THR D 134 22.42 6.34 -26.81
N LYS D 135 21.54 5.63 -26.21
CA LYS D 135 20.21 6.17 -25.89
C LYS D 135 20.09 6.22 -24.37
N THR D 136 20.62 5.30 -23.54
CA THR D 136 20.55 5.32 -22.05
C THR D 136 21.81 5.04 -21.24
N GLY D 137 23.03 4.83 -21.73
CA GLY D 137 24.19 4.58 -20.94
C GLY D 137 24.25 3.26 -20.35
N ASN D 138 23.39 2.36 -20.64
CA ASN D 138 23.32 0.95 -20.08
C ASN D 138 23.06 1.17 -18.58
N ALA D 139 22.16 2.07 -18.15
CA ALA D 139 22.00 2.21 -16.71
C ALA D 139 21.02 1.34 -16.00
N GLY D 140 20.42 0.57 -16.80
CA GLY D 140 19.41 -0.39 -16.50
C GLY D 140 18.10 0.25 -16.01
N SER D 141 17.59 -0.36 -15.05
CA SER D 141 16.42 -0.24 -14.25
C SER D 141 16.27 1.11 -13.44
N ARG D 142 15.07 1.59 -13.51
CA ARG D 142 14.89 2.93 -12.77
C ARG D 142 14.39 2.57 -11.47
N LEU D 143 15.18 2.73 -10.48
CA LEU D 143 14.98 2.46 -9.08
C LEU D 143 14.05 3.41 -8.39
N ALA D 144 14.23 4.76 -8.68
CA ALA D 144 13.31 5.71 -7.98
C ALA D 144 13.09 6.88 -8.82
N CYS D 145 12.08 7.68 -8.84
CA CYS D 145 11.94 8.86 -9.71
C CYS D 145 10.90 9.79 -9.05
N GLY D 146 10.73 11.01 -9.49
CA GLY D 146 9.81 11.93 -8.97
C GLY D 146 9.77 13.15 -9.73
N VAL D 147 8.63 13.69 -9.98
CA VAL D 147 8.34 14.89 -10.70
C VAL D 147 9.02 16.01 -9.98
N ILE D 148 9.60 16.86 -10.84
CA ILE D 148 10.33 18.07 -10.43
C ILE D 148 9.23 19.19 -10.31
N GLY D 149 9.14 19.76 -9.11
CA GLY D 149 8.18 20.83 -8.90
C GLY D 149 8.80 22.05 -8.37
N ILE D 150 8.08 23.15 -8.40
CA ILE D 150 8.57 24.47 -7.89
C ILE D 150 8.73 24.43 -6.36
N ALA D 151 9.65 25.08 -5.73
CA ALA D 151 9.86 25.12 -4.35
C ALA D 151 10.10 26.57 -3.88
N LYS D 152 10.11 26.69 -2.55
CA LYS D 152 10.39 28.06 -2.01
C LYS D 152 11.22 29.15 -2.40
CU CU E . -6.31 -23.62 -6.79
ZN ZN F . -10.62 -27.83 -7.35
CU CU G . -1.01 -7.18 24.15
ZN ZN H . -4.07 -8.89 29.11
CU CU I . -8.79 22.91 0.27
ZN ZN J . -11.43 27.98 -1.74
CU CU K . 17.87 7.54 -17.30
ZN ZN L . 20.69 10.23 -21.94
#